data_8Y5V
#
_entry.id   8Y5V
#
_cell.length_a   98.624
_cell.length_b   55.763
_cell.length_c   63.613
_cell.angle_alpha   90.00
_cell.angle_beta   120.14
_cell.angle_gamma   90.00
#
_symmetry.space_group_name_H-M   'C 1 2 1'
#
loop_
_entity.id
_entity.type
_entity.pdbx_description
1 polymer "GII.4 Sydney PD in complex with 2'-FL (powder)"
2 branched alpha-L-fucopyranose-(1-2)-beta-D-galactopyranose-(1-4)-alpha-D-glucopyranose
3 non-polymer 1,2-ETHANEDIOL
4 water water
#
_entity_poly.entity_id   1
_entity_poly.type   'polypeptide(L)'
_entity_poly.pdbx_seq_one_letter_code
;TGSKPFSVPVLTVEEMTNSRFPIPLEKLFTGPSSAFVVQPQNGRCTTDGVLLGTTQLSPVNICTFRGDVTHITGSRNYTM
NLASQNWNDYDPTEEIPAPLGTPDFVGKIQGVLTQTTRTDGSTRGHKATVYTGSADFAPKLGRVQFETDTDRDFEANQNT
KFTPVGVIQDGGTTHRNEPQQWVLPSYSGRNTHNVHLAPAVAPTFPGEQLLFFRSTMPGCSGYPNMDLDCLLPQEWVQYF
YQEAAPAQSDVALLRFVNPDTGRVLFECKLHKSGYVTVAHTGQHDLVIPPNGYFRFDSWVNQFYTLAPM
;
_entity_poly.pdbx_strand_id   A
#
# COMPACT_ATOMS: atom_id res chain seq x y z
N GLY A 2 -13.03 24.03 -20.81
CA GLY A 2 -13.72 23.96 -19.52
C GLY A 2 -14.04 22.54 -19.05
N SER A 3 -12.99 21.77 -18.77
CA SER A 3 -13.12 20.34 -18.49
C SER A 3 -13.83 20.09 -17.16
N LYS A 4 -14.39 18.86 -17.03
CA LYS A 4 -15.02 18.37 -15.81
C LYS A 4 -14.20 18.80 -14.61
N PRO A 5 -14.81 19.35 -13.56
CA PRO A 5 -14.01 19.91 -12.46
C PRO A 5 -13.38 18.77 -11.70
N PHE A 6 -12.08 18.88 -11.48
CA PHE A 6 -11.41 17.98 -10.58
C PHE A 6 -11.81 18.35 -9.15
N SER A 7 -11.69 17.37 -8.25
CA SER A 7 -11.98 17.56 -6.83
C SER A 7 -11.35 16.39 -6.08
N VAL A 8 -11.22 16.55 -4.76
CA VAL A 8 -10.87 15.44 -3.88
C VAL A 8 -12.07 15.23 -2.96
N PRO A 9 -12.26 14.03 -2.43
CA PRO A 9 -13.42 13.80 -1.56
C PRO A 9 -13.31 14.57 -0.26
N VAL A 10 -14.48 14.88 0.29
CA VAL A 10 -14.62 15.48 1.60
C VAL A 10 -14.65 14.31 2.57
N LEU A 11 -13.47 13.90 2.99
CA LEU A 11 -13.26 12.85 3.97
C LEU A 11 -12.14 13.30 4.88
N THR A 12 -12.32 13.10 6.18
CA THR A 12 -11.25 13.37 7.10
C THR A 12 -10.20 12.25 7.02
N VAL A 13 -9.01 12.54 7.53
CA VAL A 13 -7.96 11.52 7.54
C VAL A 13 -8.45 10.26 8.24
N GLU A 14 -9.09 10.42 9.40
CA GLU A 14 -9.54 9.26 10.18
C GLU A 14 -10.69 8.50 9.52
N GLU A 15 -11.39 9.11 8.56
CA GLU A 15 -12.40 8.42 7.79
C GLU A 15 -11.82 7.63 6.64
N MET A 16 -10.52 7.74 6.40
CA MET A 16 -9.91 7.14 5.22
C MET A 16 -9.04 5.96 5.60
N THR A 17 -8.49 5.33 4.56
CA THR A 17 -7.85 4.03 4.64
C THR A 17 -6.48 4.07 4.00
N ASN A 18 -5.53 3.39 4.63
CA ASN A 18 -4.24 3.23 3.98
C ASN A 18 -4.40 2.45 2.69
N SER A 19 -3.64 2.83 1.66
CA SER A 19 -3.67 2.13 0.39
C SER A 19 -2.60 1.07 0.26
N ARG A 20 -1.80 0.84 1.30
CA ARG A 20 -0.73 -0.14 1.25
C ARG A 20 -0.91 -1.30 2.24
N PHE A 21 -1.95 -1.27 3.05
CA PHE A 21 -2.27 -2.33 4.03
C PHE A 21 -3.70 -2.05 4.47
N PRO A 22 -4.50 -3.07 4.75
CA PRO A 22 -5.94 -2.85 5.00
C PRO A 22 -6.25 -2.37 6.41
N ILE A 23 -5.85 -1.14 6.70
CA ILE A 23 -6.02 -0.49 8.00
C ILE A 23 -6.34 0.97 7.79
N PRO A 24 -7.07 1.57 8.74
CA PRO A 24 -7.40 2.99 8.60
C PRO A 24 -6.18 3.87 8.63
N LEU A 25 -6.30 5.04 8.00
CA LEU A 25 -5.31 6.09 8.23
C LEU A 25 -5.41 6.63 9.65
N GLU A 26 -4.29 7.14 10.16
CA GLU A 26 -4.24 7.73 11.49
C GLU A 26 -3.79 9.19 11.51
N LYS A 27 -2.82 9.53 10.68
CA LYS A 27 -2.21 10.85 10.77
C LYS A 27 -1.51 11.18 9.47
N LEU A 28 -1.07 12.43 9.39
CA LEU A 28 -0.25 12.94 8.30
C LEU A 28 1.15 13.18 8.82
N PHE A 29 2.14 12.85 8.01
CA PHE A 29 3.55 12.96 8.36
C PHE A 29 4.32 13.49 7.17
N THR A 30 5.27 14.38 7.41
CA THR A 30 6.19 14.78 6.37
C THR A 30 7.59 14.61 6.93
N GLY A 31 8.52 14.22 6.06
CA GLY A 31 9.91 14.14 6.44
C GLY A 31 10.75 14.07 5.19
N PRO A 32 12.08 14.24 5.32
CA PRO A 32 12.96 14.12 4.15
C PRO A 32 13.00 12.69 3.63
N SER A 33 13.21 12.55 2.33
CA SER A 33 13.22 11.23 1.73
C SER A 33 14.41 11.02 0.81
N SER A 34 15.40 11.89 0.87
CA SER A 34 16.56 11.73 -0.02
C SER A 34 17.36 10.47 0.31
N ALA A 35 17.18 9.89 1.50
CA ALA A 35 17.95 8.72 1.91
C ALA A 35 17.35 7.40 1.44
N PHE A 36 16.16 7.41 0.83
CA PHE A 36 15.58 6.17 0.36
C PHE A 36 14.90 6.44 -0.96
N VAL A 37 14.50 5.38 -1.65
CA VAL A 37 13.77 5.48 -2.89
C VAL A 37 12.31 5.20 -2.56
N VAL A 38 11.45 6.16 -2.85
CA VAL A 38 10.04 6.07 -2.53
C VAL A 38 9.33 5.60 -3.81
N GLN A 39 9.05 4.30 -3.88
CA GLN A 39 8.47 3.71 -5.07
C GLN A 39 7.42 2.66 -4.71
N PRO A 40 6.48 2.98 -3.84
CA PRO A 40 5.42 2.01 -3.53
C PRO A 40 4.63 1.69 -4.78
N GLN A 41 4.07 0.47 -4.82
CA GLN A 41 3.29 0.05 -5.97
C GLN A 41 1.79 -0.01 -5.70
N ASN A 42 1.38 -0.07 -4.44
CA ASN A 42 -0.01 0.09 -4.04
C ASN A 42 -0.23 1.55 -3.66
N GLY A 43 -1.48 2.00 -3.79
CA GLY A 43 -1.79 3.42 -3.60
C GLY A 43 -1.21 4.32 -4.67
N ARG A 44 -1.23 3.88 -5.91
CA ARG A 44 -0.68 4.62 -7.03
C ARG A 44 -1.77 4.82 -8.07
N CYS A 45 -2.02 6.08 -8.42
CA CYS A 45 -3.14 6.44 -9.29
C CYS A 45 -2.94 7.89 -9.71
N THR A 46 -3.19 8.17 -10.99
CA THR A 46 -3.11 9.54 -11.43
C THR A 46 -4.36 10.30 -11.02
N THR A 47 -4.27 11.63 -11.03
CA THR A 47 -5.45 12.38 -10.64
C THR A 47 -6.59 12.23 -11.63
N ASP A 48 -6.32 11.84 -12.87
CA ASP A 48 -7.40 11.60 -13.81
C ASP A 48 -7.85 10.14 -13.84
N GLY A 49 -7.44 9.33 -12.87
CA GLY A 49 -8.06 8.04 -12.63
C GLY A 49 -7.36 6.82 -13.21
N VAL A 50 -6.10 6.92 -13.59
CA VAL A 50 -5.38 5.78 -14.16
C VAL A 50 -4.64 5.06 -13.03
N LEU A 51 -5.01 3.82 -12.78
CA LEU A 51 -4.33 3.06 -11.75
C LEU A 51 -2.93 2.67 -12.23
N LEU A 52 -1.99 2.67 -11.28
CA LEU A 52 -0.60 2.35 -11.58
C LEU A 52 -0.10 1.23 -10.68
N GLY A 53 1.05 0.70 -11.06
CA GLY A 53 1.71 -0.28 -10.23
C GLY A 53 0.87 -1.52 -10.04
N THR A 54 0.73 -1.95 -8.79
CA THR A 54 -0.14 -3.06 -8.44
C THR A 54 -1.45 -2.59 -7.83
N THR A 55 -1.87 -1.36 -8.12
CA THR A 55 -2.98 -0.77 -7.39
C THR A 55 -4.30 -1.27 -7.93
N GLN A 56 -5.16 -1.70 -7.01
CA GLN A 56 -6.55 -2.01 -7.31
C GLN A 56 -7.44 -1.25 -6.33
N LEU A 57 -8.76 -1.48 -6.43
CA LEU A 57 -9.71 -0.54 -5.86
C LEU A 57 -10.17 -0.84 -4.44
N SER A 58 -10.21 -2.08 -4.02
CA SER A 58 -10.79 -2.15 -2.67
C SER A 58 -9.71 -2.35 -1.62
N PRO A 59 -9.79 -1.65 -0.49
CA PRO A 59 -8.72 -1.78 0.48
C PRO A 59 -8.66 -3.13 1.15
N VAL A 60 -9.73 -3.91 1.11
CA VAL A 60 -9.66 -5.17 1.88
C VAL A 60 -8.81 -6.22 1.17
N ASN A 61 -8.56 -6.08 -0.13
CA ASN A 61 -7.77 -7.04 -0.87
C ASN A 61 -6.27 -6.81 -0.75
N ILE A 62 -5.85 -5.68 -0.19
CA ILE A 62 -4.43 -5.37 -0.12
C ILE A 62 -3.72 -6.35 0.79
N CYS A 63 -2.65 -6.95 0.29
CA CYS A 63 -1.82 -7.92 1.00
C CYS A 63 -2.57 -9.22 1.29
N THR A 64 -3.62 -9.51 0.52
CA THR A 64 -4.25 -10.83 0.55
C THR A 64 -3.69 -11.70 -0.58
N PHE A 65 -3.74 -13.01 -0.36
CA PHE A 65 -3.38 -13.96 -1.41
C PHE A 65 -4.45 -15.04 -1.43
N ARG A 66 -4.68 -15.64 -2.60
CA ARG A 66 -5.61 -16.73 -2.78
C ARG A 66 -4.99 -17.78 -3.70
N GLY A 67 -5.34 -19.04 -3.45
CA GLY A 67 -4.87 -20.09 -4.36
C GLY A 67 -5.01 -21.46 -3.76
N ASP A 68 -4.06 -22.35 -4.12
CA ASP A 68 -3.94 -23.74 -3.70
C ASP A 68 -2.64 -23.83 -2.91
N VAL A 69 -2.53 -24.76 -1.93
CA VAL A 69 -1.28 -24.86 -1.19
C VAL A 69 -0.69 -26.26 -1.34
N THR A 70 0.63 -26.31 -1.34
CA THR A 70 1.39 -27.56 -1.41
C THR A 70 2.28 -27.61 -0.18
N HIS A 71 2.15 -28.67 0.59
CA HIS A 71 2.97 -28.81 1.78
C HIS A 71 4.41 -29.12 1.40
N ILE A 72 5.34 -28.45 2.08
CA ILE A 72 6.77 -28.77 1.99
C ILE A 72 7.02 -29.85 3.04
N THR A 73 7.09 -31.10 2.58
CA THR A 73 7.18 -32.22 3.51
C THR A 73 8.37 -32.05 4.44
N GLY A 74 8.18 -32.41 5.70
CA GLY A 74 9.21 -32.23 6.69
C GLY A 74 9.29 -30.83 7.28
N SER A 75 8.28 -30.00 7.07
CA SER A 75 8.27 -28.66 7.62
C SER A 75 6.83 -28.28 7.95
N ARG A 76 6.66 -27.07 8.47
CA ARG A 76 5.35 -26.47 8.65
C ARG A 76 5.11 -25.38 7.61
N ASN A 77 5.83 -25.43 6.50
CA ASN A 77 5.80 -24.41 5.46
C ASN A 77 4.99 -24.94 4.27
N TYR A 78 4.30 -24.02 3.59
CA TYR A 78 3.46 -24.37 2.46
C TYR A 78 3.75 -23.40 1.31
N THR A 79 3.84 -23.93 0.10
CA THR A 79 3.84 -23.11 -1.09
C THR A 79 2.40 -22.86 -1.52
N MET A 80 2.04 -21.59 -1.72
CA MET A 80 0.78 -21.24 -2.37
C MET A 80 0.99 -21.01 -3.85
N ASN A 81 0.27 -21.77 -4.67
CA ASN A 81 0.15 -21.52 -6.11
C ASN A 81 -1.01 -20.56 -6.30
N LEU A 82 -0.70 -19.33 -6.72
CA LEU A 82 -1.71 -18.28 -6.69
C LEU A 82 -2.79 -18.48 -7.73
N ALA A 83 -4.01 -18.12 -7.33
CA ALA A 83 -5.15 -17.91 -8.20
C ALA A 83 -5.35 -16.41 -8.35
N SER A 84 -6.21 -16.06 -9.31
CA SER A 84 -6.79 -14.71 -9.35
C SER A 84 -7.61 -14.45 -8.10
N GLN A 85 -7.92 -13.17 -7.87
CA GLN A 85 -8.70 -12.84 -6.67
C GLN A 85 -10.11 -13.41 -6.71
N ASN A 86 -10.67 -13.61 -7.90
CA ASN A 86 -11.98 -14.21 -8.01
C ASN A 86 -11.91 -15.73 -8.14
N TRP A 87 -10.75 -16.31 -7.82
CA TRP A 87 -10.47 -17.72 -7.79
C TRP A 87 -10.27 -18.33 -9.18
N ASN A 88 -10.32 -17.53 -10.24
CA ASN A 88 -9.98 -18.05 -11.56
C ASN A 88 -8.48 -18.31 -11.65
N ASP A 89 -8.06 -18.96 -12.73
CA ASP A 89 -6.64 -19.21 -12.93
C ASP A 89 -5.88 -17.89 -12.89
N TYR A 90 -4.66 -17.94 -12.36
CA TYR A 90 -3.79 -16.76 -12.39
C TYR A 90 -3.24 -16.55 -13.80
N ASP A 91 -3.32 -15.31 -14.30
CA ASP A 91 -2.83 -14.96 -15.62
C ASP A 91 -1.60 -14.09 -15.45
N PRO A 92 -0.39 -14.64 -15.55
CA PRO A 92 0.82 -13.84 -15.31
C PRO A 92 1.19 -12.89 -16.44
N THR A 93 0.38 -12.81 -17.52
CA THR A 93 0.80 -12.04 -18.68
C THR A 93 0.32 -10.60 -18.66
N GLU A 94 -0.48 -10.20 -17.67
CA GLU A 94 -0.84 -8.81 -17.55
C GLU A 94 0.44 -8.00 -17.38
N GLU A 95 0.48 -6.81 -17.98
CA GLU A 95 1.63 -5.93 -17.86
C GLU A 95 1.53 -5.16 -16.56
N ILE A 96 1.75 -5.90 -15.47
CA ILE A 96 1.78 -5.35 -14.12
C ILE A 96 2.95 -6.00 -13.38
N PRO A 97 3.40 -5.39 -12.28
CA PRO A 97 4.57 -5.95 -11.59
C PRO A 97 4.32 -7.29 -10.94
N ALA A 98 3.07 -7.56 -10.58
CA ALA A 98 2.66 -8.64 -9.69
C ALA A 98 1.14 -8.56 -9.62
N PRO A 99 0.45 -9.58 -9.14
CA PRO A 99 -1.00 -9.45 -8.96
C PRO A 99 -1.36 -8.16 -8.24
N LEU A 100 -2.48 -7.56 -8.64
CA LEU A 100 -2.89 -6.33 -7.97
C LEU A 100 -3.13 -6.59 -6.49
N GLY A 101 -2.60 -5.70 -5.64
CA GLY A 101 -2.73 -5.85 -4.21
C GLY A 101 -1.58 -6.58 -3.53
N THR A 102 -0.68 -7.18 -4.29
CA THR A 102 0.50 -7.82 -3.73
C THR A 102 1.20 -6.86 -2.77
N PRO A 103 1.74 -7.34 -1.65
CA PRO A 103 2.53 -6.45 -0.78
C PRO A 103 3.64 -5.76 -1.56
N ASP A 104 3.87 -4.48 -1.27
CA ASP A 104 4.89 -3.71 -1.97
C ASP A 104 6.04 -3.28 -1.05
N PHE A 105 6.26 -4.02 0.02
CA PHE A 105 7.39 -3.78 0.89
C PHE A 105 7.94 -5.11 1.36
N VAL A 106 9.22 -5.09 1.72
CA VAL A 106 9.88 -6.27 2.30
C VAL A 106 9.62 -6.32 3.80
N GLY A 107 9.05 -7.42 4.26
CA GLY A 107 8.79 -7.58 5.67
C GLY A 107 8.16 -8.95 5.89
N LYS A 108 7.95 -9.25 7.15
CA LYS A 108 7.34 -10.52 7.56
C LYS A 108 5.91 -10.19 7.95
N ILE A 109 4.96 -10.54 7.09
CA ILE A 109 3.56 -10.23 7.28
C ILE A 109 2.87 -11.46 7.86
N GLN A 110 2.27 -11.31 9.03
CA GLN A 110 1.57 -12.39 9.68
C GLN A 110 0.07 -12.21 9.48
N GLY A 111 -0.62 -13.32 9.36
CA GLY A 111 -2.05 -13.32 9.24
C GLY A 111 -2.55 -14.75 9.38
N VAL A 112 -3.60 -15.09 8.66
CA VAL A 112 -4.23 -16.39 8.80
C VAL A 112 -4.49 -16.97 7.41
N LEU A 113 -4.11 -18.23 7.22
CA LEU A 113 -4.51 -19.01 6.06
C LEU A 113 -5.80 -19.74 6.38
N THR A 114 -6.84 -19.52 5.58
CA THR A 114 -8.09 -20.21 5.73
C THR A 114 -8.33 -21.09 4.51
N GLN A 115 -9.06 -22.19 4.71
CA GLN A 115 -9.30 -23.12 3.61
C GLN A 115 -10.66 -23.77 3.78
N THR A 116 -11.33 -24.00 2.66
CA THR A 116 -12.58 -24.72 2.61
C THR A 116 -12.44 -25.93 1.70
N THR A 117 -12.89 -27.08 2.16
CA THR A 117 -13.00 -28.26 1.30
C THR A 117 -14.33 -28.23 0.58
N ARG A 118 -14.30 -28.28 -0.76
CA ARG A 118 -15.51 -28.07 -1.54
C ARG A 118 -16.55 -29.15 -1.28
N THR A 119 -16.11 -30.40 -1.11
CA THR A 119 -17.06 -31.50 -1.11
C THR A 119 -18.06 -31.40 0.04
N ASP A 120 -17.59 -31.03 1.24
CA ASP A 120 -18.43 -31.06 2.43
C ASP A 120 -18.48 -29.72 3.14
N GLY A 121 -17.80 -28.70 2.63
CA GLY A 121 -17.83 -27.42 3.29
C GLY A 121 -17.08 -27.38 4.61
N SER A 122 -16.18 -28.34 4.85
CA SER A 122 -15.37 -28.28 6.06
C SER A 122 -14.31 -27.20 5.89
N THR A 123 -13.92 -26.59 7.01
CA THR A 123 -13.05 -25.41 6.96
C THR A 123 -11.96 -25.49 8.01
N ARG A 124 -10.91 -24.70 7.82
CA ARG A 124 -9.78 -24.73 8.74
C ARG A 124 -9.00 -23.42 8.58
N GLY A 125 -8.39 -23.00 9.67
CA GLY A 125 -7.66 -21.76 9.70
C GLY A 125 -6.42 -21.90 10.55
N HIS A 126 -5.29 -21.38 10.08
CA HIS A 126 -4.02 -21.49 10.80
C HIS A 126 -3.19 -20.23 10.65
N LYS A 127 -2.51 -19.85 11.72
CA LYS A 127 -1.54 -18.76 11.69
C LYS A 127 -0.55 -19.00 10.56
N ALA A 128 -0.21 -17.92 9.87
CA ALA A 128 0.73 -18.02 8.76
C ALA A 128 1.48 -16.71 8.60
N THR A 129 2.72 -16.81 8.14
CA THR A 129 3.59 -15.67 7.93
C THR A 129 4.23 -15.77 6.56
N VAL A 130 4.22 -14.69 5.80
CA VAL A 130 4.93 -14.62 4.52
C VAL A 130 6.05 -13.61 4.67
N TYR A 131 7.26 -14.01 4.28
CA TYR A 131 8.41 -13.13 4.27
C TYR A 131 8.60 -12.65 2.83
N THR A 132 8.26 -11.40 2.58
CA THR A 132 8.25 -10.90 1.22
C THR A 132 9.65 -10.58 0.73
N GLY A 133 10.64 -10.72 1.60
CA GLY A 133 12.03 -10.66 1.17
C GLY A 133 12.65 -12.00 0.90
N SER A 134 11.87 -13.07 1.05
CA SER A 134 12.36 -14.42 0.82
C SER A 134 12.76 -14.61 -0.62
N ALA A 135 13.81 -15.41 -0.85
CA ALA A 135 14.24 -15.67 -2.22
C ALA A 135 13.12 -16.32 -3.02
N ASP A 136 12.24 -17.07 -2.35
CA ASP A 136 11.15 -17.77 -3.00
C ASP A 136 9.83 -17.01 -2.91
N PHE A 137 9.87 -15.72 -2.60
CA PHE A 137 8.69 -14.86 -2.76
C PHE A 137 8.63 -14.44 -4.22
N ALA A 138 7.71 -15.04 -4.97
CA ALA A 138 7.64 -14.84 -6.41
C ALA A 138 6.20 -14.70 -6.87
N PRO A 139 5.43 -13.79 -6.26
CA PRO A 139 4.02 -13.65 -6.65
C PRO A 139 3.82 -13.39 -8.14
N LYS A 140 4.74 -12.71 -8.82
CA LYS A 140 4.57 -12.48 -10.26
C LYS A 140 4.59 -13.81 -11.01
N LEU A 141 5.39 -14.76 -10.54
CA LEU A 141 5.42 -16.11 -11.09
C LEU A 141 4.27 -16.98 -10.60
N GLY A 142 3.50 -16.48 -9.65
CA GLY A 142 2.39 -17.23 -9.11
C GLY A 142 2.71 -18.08 -7.92
N ARG A 143 3.80 -17.79 -7.19
CA ARG A 143 4.22 -18.61 -6.07
C ARG A 143 4.68 -17.76 -4.90
N VAL A 144 4.17 -18.08 -3.71
CA VAL A 144 4.65 -17.50 -2.47
C VAL A 144 4.66 -18.60 -1.43
N GLN A 145 5.52 -18.44 -0.41
CA GLN A 145 5.66 -19.44 0.64
C GLN A 145 5.12 -18.88 1.96
N PHE A 146 4.48 -19.75 2.74
CA PHE A 146 3.95 -19.39 4.06
C PHE A 146 4.53 -20.34 5.10
N GLU A 147 5.04 -19.77 6.20
CA GLU A 147 5.32 -20.55 7.41
C GLU A 147 4.08 -20.61 8.31
N THR A 148 3.74 -21.80 8.77
CA THR A 148 2.49 -21.98 9.51
C THR A 148 2.73 -22.75 10.80
N ASP A 149 1.65 -22.92 11.57
CA ASP A 149 1.63 -23.67 12.82
C ASP A 149 1.09 -25.09 12.63
N THR A 150 1.22 -25.65 11.44
CA THR A 150 0.73 -27.00 11.18
C THR A 150 1.57 -27.66 10.10
N ASP A 151 1.65 -28.99 10.17
CA ASP A 151 2.25 -29.79 9.10
C ASP A 151 1.26 -30.82 8.54
N ARG A 152 -0.03 -30.67 8.83
CA ARG A 152 -0.98 -31.70 8.44
C ARG A 152 -2.38 -31.21 8.09
N ASP A 153 -2.81 -30.06 8.62
CA ASP A 153 -4.21 -29.67 8.51
C ASP A 153 -4.45 -28.66 7.39
N PHE A 154 -3.75 -28.78 6.27
CA PHE A 154 -4.11 -28.09 5.04
C PHE A 154 -4.15 -29.13 3.94
N GLU A 155 -5.23 -29.18 3.21
CA GLU A 155 -5.32 -30.07 2.07
C GLU A 155 -4.76 -29.39 0.81
N ALA A 156 -4.25 -30.22 -0.08
CA ALA A 156 -3.90 -29.75 -1.41
C ALA A 156 -5.16 -29.59 -2.26
N ASN A 157 -5.04 -28.78 -3.32
CA ASN A 157 -6.04 -28.70 -4.36
C ASN A 157 -7.39 -28.20 -3.85
N GLN A 158 -7.36 -27.29 -2.89
CA GLN A 158 -8.55 -26.69 -2.34
C GLN A 158 -8.30 -25.21 -2.13
N ASN A 159 -9.34 -24.40 -2.37
CA ASN A 159 -9.23 -22.95 -2.25
C ASN A 159 -8.74 -22.54 -0.87
N THR A 160 -7.73 -21.67 -0.83
CA THR A 160 -7.04 -21.22 0.37
C THR A 160 -6.79 -19.73 0.26
N LYS A 161 -7.05 -19.00 1.34
CA LYS A 161 -6.88 -17.56 1.37
C LYS A 161 -5.95 -17.16 2.49
N PHE A 162 -5.12 -16.16 2.24
CA PHE A 162 -4.34 -15.52 3.29
C PHE A 162 -4.94 -14.16 3.59
N THR A 163 -5.32 -13.94 4.84
CA THR A 163 -5.82 -12.65 5.33
C THR A 163 -4.73 -12.01 6.17
N PRO A 164 -4.22 -10.83 5.79
CA PRO A 164 -3.15 -10.21 6.57
C PRO A 164 -3.68 -9.61 7.85
N VAL A 165 -2.83 -9.61 8.87
CA VAL A 165 -3.14 -8.98 10.14
C VAL A 165 -2.11 -7.91 10.50
N GLY A 166 -0.84 -8.26 10.46
CA GLY A 166 0.17 -7.32 10.89
C GLY A 166 1.56 -7.78 10.52
N VAL A 167 2.57 -7.28 11.23
CA VAL A 167 3.95 -7.57 10.89
C VAL A 167 4.69 -8.00 12.15
N ILE A 168 5.80 -8.72 11.93
CA ILE A 168 6.65 -9.19 13.01
C ILE A 168 8.09 -8.76 12.78
N GLN A 169 8.89 -8.89 13.85
CA GLN A 169 10.31 -8.60 13.80
C GLN A 169 10.95 -9.71 14.63
N ASP A 170 12.02 -10.31 14.11
CA ASP A 170 12.67 -11.43 14.76
C ASP A 170 13.90 -11.84 13.97
N GLY A 171 14.38 -13.06 14.20
CA GLY A 171 15.52 -13.56 13.46
C GLY A 171 16.75 -12.68 13.58
N GLY A 172 16.93 -12.02 14.72
CA GLY A 172 18.16 -11.32 15.02
C GLY A 172 18.26 -9.91 14.49
N THR A 173 17.19 -9.37 13.91
CA THR A 173 17.22 -8.00 13.43
C THR A 173 17.21 -7.03 14.61
N THR A 174 17.83 -5.85 14.41
CA THR A 174 17.80 -4.79 15.42
C THR A 174 16.38 -4.25 15.55
N HIS A 175 16.04 -3.74 16.73
CA HIS A 175 14.66 -3.29 16.93
C HIS A 175 14.27 -2.26 15.89
N ARG A 176 13.07 -2.45 15.32
CA ARG A 176 12.49 -1.58 14.31
C ARG A 176 13.33 -1.49 13.04
N ASN A 177 14.18 -2.48 12.82
CA ASN A 177 14.93 -2.56 11.58
C ASN A 177 14.14 -3.23 10.46
N GLU A 178 12.96 -3.76 10.76
CA GLU A 178 12.08 -4.38 9.78
C GLU A 178 10.66 -4.25 10.31
N PRO A 179 9.65 -4.28 9.42
CA PRO A 179 9.73 -4.22 7.95
C PRO A 179 10.49 -3.03 7.44
N GLN A 180 10.79 -3.06 6.14
CA GLN A 180 11.47 -1.98 5.44
C GLN A 180 10.46 -1.51 4.40
N GLN A 181 9.67 -0.48 4.74
CA GLN A 181 8.49 -0.17 3.94
C GLN A 181 8.84 0.40 2.58
N TRP A 182 10.07 0.92 2.38
CA TRP A 182 10.47 1.46 1.08
C TRP A 182 11.33 0.51 0.26
N VAL A 183 11.49 -0.74 0.70
CA VAL A 183 12.21 -1.73 -0.08
C VAL A 183 11.19 -2.58 -0.82
N LEU A 184 11.17 -2.48 -2.15
CA LEU A 184 10.27 -3.29 -2.95
C LEU A 184 10.70 -4.75 -2.92
N PRO A 185 9.76 -5.68 -2.85
CA PRO A 185 10.10 -7.08 -3.13
C PRO A 185 10.62 -7.23 -4.55
N SER A 186 11.35 -8.34 -4.77
CA SER A 186 11.62 -8.88 -6.09
C SER A 186 10.46 -9.78 -6.46
N TYR A 187 9.52 -9.25 -7.25
CA TYR A 187 8.23 -9.91 -7.42
C TYR A 187 8.32 -11.26 -8.12
N SER A 188 9.40 -11.53 -8.86
CA SER A 188 9.58 -12.81 -9.54
C SER A 188 10.64 -13.68 -8.88
N GLY A 189 11.09 -13.31 -7.69
CA GLY A 189 12.07 -14.08 -6.95
C GLY A 189 13.42 -13.41 -6.93
N ARG A 190 14.29 -13.95 -6.08
CA ARG A 190 15.63 -13.39 -5.90
C ARG A 190 16.29 -13.22 -7.25
N ASN A 191 16.85 -12.04 -7.47
CA ASN A 191 17.77 -11.75 -8.55
C ASN A 191 17.06 -11.64 -9.89
N THR A 192 15.76 -11.39 -9.87
CA THR A 192 15.01 -11.04 -11.07
C THR A 192 14.69 -9.55 -11.03
N HIS A 193 14.42 -8.99 -12.20
CA HIS A 193 14.11 -7.57 -12.33
C HIS A 193 12.61 -7.36 -12.36
N ASN A 194 12.14 -6.42 -11.52
CA ASN A 194 10.73 -6.06 -11.52
C ASN A 194 10.38 -5.36 -12.82
N VAL A 195 9.13 -5.52 -13.23
CA VAL A 195 8.65 -4.95 -14.46
C VAL A 195 7.40 -4.11 -14.22
N HIS A 196 7.16 -3.17 -15.14
CA HIS A 196 5.91 -2.41 -15.19
C HIS A 196 5.65 -1.61 -13.92
N LEU A 197 6.70 -1.10 -13.30
CA LEU A 197 6.55 -0.43 -12.03
C LEU A 197 6.04 1.00 -12.20
N ALA A 198 5.22 1.41 -11.23
CA ALA A 198 4.97 2.83 -11.04
C ALA A 198 6.29 3.49 -10.66
N PRO A 199 6.56 4.68 -11.18
CA PRO A 199 7.87 5.31 -10.95
C PRO A 199 8.08 5.72 -9.51
N ALA A 200 9.36 5.86 -9.16
CA ALA A 200 9.73 6.46 -7.88
C ALA A 200 9.28 7.92 -7.87
N VAL A 201 9.04 8.45 -6.67
CA VAL A 201 8.62 9.84 -6.54
C VAL A 201 9.54 10.54 -5.56
N ALA A 202 9.69 11.85 -5.78
CA ALA A 202 10.57 12.64 -4.93
C ALA A 202 10.16 14.10 -5.03
N PRO A 203 10.31 14.87 -3.97
CA PRO A 203 10.18 16.33 -4.11
C PRO A 203 11.33 16.83 -4.99
N THR A 204 11.00 17.78 -5.86
CA THR A 204 12.01 18.40 -6.71
C THR A 204 12.16 19.87 -6.43
N PHE A 205 11.14 20.51 -5.90
CA PHE A 205 11.17 21.94 -5.66
C PHE A 205 11.88 22.26 -4.36
N PRO A 206 12.76 23.25 -4.33
CA PRO A 206 13.52 23.52 -3.09
C PRO A 206 12.57 23.79 -1.93
N GLY A 207 12.86 23.17 -0.80
CA GLY A 207 12.09 23.41 0.39
C GLY A 207 10.91 22.48 0.55
N GLU A 208 10.68 21.59 -0.40
CA GLU A 208 9.52 20.71 -0.36
C GLU A 208 9.91 19.30 0.10
N GLN A 209 8.95 18.64 0.73
CA GLN A 209 9.02 17.25 1.15
C GLN A 209 7.74 16.56 0.71
N LEU A 210 7.80 15.23 0.62
CA LEU A 210 6.57 14.48 0.48
C LEU A 210 5.70 14.62 1.73
N LEU A 211 4.40 14.61 1.50
CA LEU A 211 3.40 14.43 2.54
C LEU A 211 2.91 12.99 2.49
N PHE A 212 3.02 12.30 3.61
CA PHE A 212 2.64 10.90 3.72
C PHE A 212 1.35 10.76 4.53
N PHE A 213 0.51 9.83 4.08
CA PHE A 213 -0.71 9.42 4.78
C PHE A 213 -0.36 8.17 5.56
N ARG A 214 -0.32 8.29 6.89
CA ARG A 214 0.36 7.32 7.74
C ARG A 214 -0.62 6.52 8.60
N SER A 215 -0.33 5.23 8.71
CA SER A 215 -0.99 4.33 9.64
C SER A 215 0.07 3.59 10.45
N THR A 216 -0.39 2.89 11.46
CA THR A 216 0.46 2.02 12.26
C THR A 216 -0.01 0.60 12.01
N MET A 217 0.85 -0.22 11.38
CA MET A 217 0.48 -1.60 11.16
C MET A 217 0.45 -2.34 12.49
N PRO A 218 -0.53 -3.20 12.73
CA PRO A 218 -0.46 -4.03 13.93
C PRO A 218 0.83 -4.82 13.95
N GLY A 219 1.42 -4.90 15.14
CA GLY A 219 2.56 -5.78 15.39
C GLY A 219 2.13 -7.07 16.06
N CYS A 220 2.71 -8.18 15.59
CA CYS A 220 2.31 -9.50 16.04
C CYS A 220 3.39 -10.24 16.83
N SER A 221 4.58 -9.68 16.90
CA SER A 221 5.68 -10.32 17.62
C SER A 221 6.92 -9.47 17.43
N GLY A 222 7.71 -9.32 18.49
CA GLY A 222 8.97 -8.62 18.36
C GLY A 222 8.80 -7.12 18.43
N TYR A 223 9.76 -6.41 17.83
CA TYR A 223 9.82 -4.95 17.87
C TYR A 223 9.83 -4.41 16.44
N PRO A 224 8.75 -4.60 15.69
CA PRO A 224 8.73 -4.14 14.31
C PRO A 224 8.59 -2.63 14.19
N ASN A 225 9.10 -2.12 13.06
CA ASN A 225 8.79 -0.78 12.60
C ASN A 225 7.41 -0.84 11.97
N MET A 226 6.43 -0.28 12.67
CA MET A 226 5.04 -0.39 12.27
C MET A 226 4.59 0.81 11.43
N ASP A 227 5.46 1.77 11.14
CA ASP A 227 5.05 2.90 10.34
C ASP A 227 4.76 2.45 8.92
N LEU A 228 3.64 2.95 8.37
CA LEU A 228 3.32 2.65 6.98
C LEU A 228 2.72 3.89 6.35
N ASP A 229 3.45 4.43 5.38
CA ASP A 229 3.15 5.65 4.69
C ASP A 229 2.69 5.35 3.27
N CYS A 230 1.55 5.89 2.89
CA CYS A 230 1.11 5.77 1.51
C CYS A 230 1.02 7.17 0.89
N LEU A 231 1.12 7.21 -0.43
CA LEU A 231 1.15 8.48 -1.15
C LEU A 231 -0.23 9.06 -1.39
N LEU A 232 -1.26 8.22 -1.37
CA LEU A 232 -2.65 8.62 -1.58
C LEU A 232 -3.51 7.74 -0.66
N PRO A 233 -4.52 8.29 0.01
CA PRO A 233 -5.49 7.43 0.68
C PRO A 233 -6.13 6.51 -0.35
N GLN A 234 -6.53 5.32 0.10
CA GLN A 234 -7.24 4.44 -0.83
C GLN A 234 -8.47 5.14 -1.38
N GLU A 235 -9.15 5.95 -0.57
CA GLU A 235 -10.37 6.60 -1.03
C GLU A 235 -10.08 7.58 -2.16
N TRP A 236 -8.89 8.18 -2.17
CA TRP A 236 -8.54 9.06 -3.30
C TRP A 236 -8.32 8.26 -4.58
N VAL A 237 -7.66 7.11 -4.49
CA VAL A 237 -7.58 6.18 -5.62
C VAL A 237 -8.97 5.87 -6.14
N GLN A 238 -9.86 5.49 -5.22
CA GLN A 238 -11.22 5.11 -5.63
C GLN A 238 -11.94 6.26 -6.30
N TYR A 239 -11.77 7.46 -5.74
CA TYR A 239 -12.45 8.66 -6.22
C TYR A 239 -11.93 9.11 -7.57
N PHE A 240 -10.59 9.14 -7.74
CA PHE A 240 -10.06 9.56 -9.03
C PHE A 240 -10.43 8.55 -10.12
N TYR A 241 -10.38 7.27 -9.79
CA TYR A 241 -10.78 6.26 -10.75
C TYR A 241 -12.20 6.49 -11.22
N GLN A 242 -13.09 6.80 -10.29
CA GLN A 242 -14.50 6.97 -10.62
C GLN A 242 -14.75 8.28 -11.36
N GLU A 243 -14.10 9.36 -10.93
CA GLU A 243 -14.39 10.67 -11.50
C GLU A 243 -13.71 10.89 -12.84
N ALA A 244 -12.47 10.41 -12.96
CA ALA A 244 -11.64 10.55 -14.16
C ALA A 244 -11.70 11.96 -14.76
N ALA A 245 -11.51 12.96 -13.89
CA ALA A 245 -11.49 14.36 -14.31
C ALA A 245 -10.13 14.73 -14.86
N PRO A 246 -10.07 15.41 -16.02
CA PRO A 246 -8.77 15.67 -16.64
C PRO A 246 -7.97 16.70 -15.88
N ALA A 247 -6.67 16.44 -15.77
CA ALA A 247 -5.77 17.39 -15.13
C ALA A 247 -5.56 18.56 -16.08
N GLN A 248 -5.72 19.77 -15.58
CA GLN A 248 -5.47 20.95 -16.40
C GLN A 248 -4.05 21.47 -16.29
N SER A 249 -3.30 21.02 -15.29
CA SER A 249 -1.89 21.31 -15.18
C SER A 249 -1.22 20.12 -14.51
N ASP A 250 0.06 20.27 -14.21
CA ASP A 250 0.79 19.19 -13.56
C ASP A 250 0.50 19.09 -12.08
N VAL A 251 -0.10 20.11 -11.46
CA VAL A 251 -0.21 20.16 -10.01
C VAL A 251 -1.55 20.73 -9.61
N ALA A 252 -2.23 20.04 -8.69
CA ALA A 252 -3.47 20.52 -8.10
C ALA A 252 -3.16 21.07 -6.72
N LEU A 253 -3.46 22.35 -6.52
CA LEU A 253 -3.24 22.96 -5.22
C LEU A 253 -4.40 22.62 -4.30
N LEU A 254 -4.09 21.96 -3.18
CA LEU A 254 -5.11 21.64 -2.19
C LEU A 254 -4.88 22.46 -0.93
N ARG A 255 -5.98 22.85 -0.29
CA ARG A 255 -5.94 23.47 1.02
C ARG A 255 -6.56 22.50 2.01
N PHE A 256 -5.90 22.34 3.15
CA PHE A 256 -6.45 21.55 4.23
C PHE A 256 -7.19 22.50 5.16
N VAL A 257 -8.50 22.33 5.25
CA VAL A 257 -9.42 23.27 5.90
C VAL A 257 -9.81 22.75 7.26
N ASN A 258 -9.84 23.67 8.24
CA ASN A 258 -10.28 23.38 9.59
C ASN A 258 -11.70 23.88 9.76
N PRO A 259 -12.71 23.02 9.77
CA PRO A 259 -14.10 23.52 9.88
C PRO A 259 -14.40 24.16 11.22
N ASP A 260 -13.60 23.90 12.26
CA ASP A 260 -13.84 24.50 13.56
C ASP A 260 -13.41 25.96 13.63
N THR A 261 -12.60 26.42 12.69
CA THR A 261 -12.17 27.81 12.65
C THR A 261 -12.51 28.51 11.34
N GLY A 262 -12.76 27.75 10.29
CA GLY A 262 -12.96 28.30 8.97
C GLY A 262 -11.69 28.66 8.26
N ARG A 263 -10.55 28.34 8.84
CA ARG A 263 -9.27 28.76 8.30
C ARG A 263 -8.51 27.58 7.70
N VAL A 264 -7.57 27.90 6.81
CA VAL A 264 -6.68 26.93 6.20
C VAL A 264 -5.56 26.59 7.18
N LEU A 265 -5.33 25.29 7.39
CA LEU A 265 -4.18 24.91 8.22
C LEU A 265 -2.88 24.85 7.42
N PHE A 266 -2.94 24.24 6.23
CA PHE A 266 -1.79 24.19 5.34
C PHE A 266 -2.30 23.99 3.94
N GLU A 267 -1.43 24.26 2.96
CA GLU A 267 -1.73 23.94 1.57
C GLU A 267 -0.65 23.00 1.04
N CYS A 268 -0.99 22.29 -0.03
CA CYS A 268 -0.06 21.29 -0.55
C CYS A 268 -0.28 21.13 -2.03
N LYS A 269 0.68 20.45 -2.68
CA LYS A 269 0.62 20.17 -4.09
C LYS A 269 0.25 18.72 -4.28
N LEU A 270 -0.86 18.46 -4.96
CA LEU A 270 -1.20 17.11 -5.43
C LEU A 270 -0.72 17.00 -6.86
N HIS A 271 0.37 16.28 -7.06
CA HIS A 271 0.91 16.11 -8.40
C HIS A 271 0.01 15.20 -9.22
N LYS A 272 -0.13 15.52 -10.51
CA LYS A 272 -1.11 14.81 -11.32
C LYS A 272 -0.76 13.33 -11.40
N SER A 273 0.52 12.98 -11.21
CA SER A 273 0.90 11.57 -11.27
C SER A 273 0.61 10.83 -9.97
N GLY A 274 0.11 11.54 -8.95
CA GLY A 274 -0.45 10.91 -7.77
C GLY A 274 0.41 10.88 -6.54
N TYR A 275 0.90 12.03 -6.10
CA TYR A 275 1.57 12.12 -4.82
C TYR A 275 1.47 13.57 -4.37
N VAL A 276 1.79 13.81 -3.10
CA VAL A 276 1.60 15.12 -2.49
C VAL A 276 2.92 15.65 -1.92
N THR A 277 3.16 16.96 -2.11
CA THR A 277 4.26 17.63 -1.43
C THR A 277 3.80 18.85 -0.63
N VAL A 278 4.60 19.18 0.39
CA VAL A 278 4.43 20.34 1.25
C VAL A 278 5.74 21.09 1.38
N ALA A 279 5.65 22.37 1.74
CA ALA A 279 6.84 23.17 2.04
C ALA A 279 7.17 23.02 3.52
N HIS A 280 8.12 22.13 3.80
CA HIS A 280 8.63 21.90 5.13
C HIS A 280 10.00 21.25 5.05
N THR A 281 10.86 21.55 6.01
CA THR A 281 12.16 20.90 6.15
C THR A 281 12.22 20.23 7.51
N GLY A 282 12.28 18.90 7.51
CA GLY A 282 12.43 18.11 8.71
C GLY A 282 11.27 17.14 8.90
N GLN A 283 11.46 16.27 9.90
CA GLN A 283 10.42 15.33 10.27
C GLN A 283 9.35 16.05 11.10
N HIS A 284 8.10 15.87 10.70
CA HIS A 284 7.01 16.59 11.37
C HIS A 284 5.75 15.74 11.37
N ASP A 285 5.24 15.46 12.56
CA ASP A 285 3.89 14.91 12.68
C ASP A 285 2.87 16.05 12.66
N LEU A 286 2.01 16.07 11.66
CA LEU A 286 1.04 17.13 11.55
C LEU A 286 -0.01 17.02 12.65
N VAL A 287 -0.34 18.14 13.27
CA VAL A 287 -1.36 18.22 14.30
C VAL A 287 -2.61 18.80 13.64
N ILE A 288 -3.62 17.97 13.39
CA ILE A 288 -4.73 18.40 12.54
C ILE A 288 -6.02 18.33 13.34
N PRO A 289 -7.01 19.15 13.03
CA PRO A 289 -8.35 18.95 13.61
C PRO A 289 -8.91 17.64 13.10
N PRO A 290 -9.53 16.81 13.95
CA PRO A 290 -10.01 15.52 13.43
C PRO A 290 -11.08 15.62 12.36
N ASN A 291 -11.79 16.75 12.27
CA ASN A 291 -12.74 16.97 11.21
C ASN A 291 -12.17 17.78 10.04
N GLY A 292 -10.85 17.97 10.00
CA GLY A 292 -10.26 18.66 8.87
C GLY A 292 -10.37 17.84 7.60
N TYR A 293 -10.30 18.53 6.46
CA TYR A 293 -10.36 17.81 5.19
C TYR A 293 -9.62 18.59 4.11
N PHE A 294 -9.31 17.90 3.02
CA PHE A 294 -8.63 18.51 1.88
C PHE A 294 -9.65 19.05 0.88
N ARG A 295 -9.29 20.17 0.24
CA ARG A 295 -10.16 20.82 -0.73
C ARG A 295 -9.32 21.28 -1.91
N PHE A 296 -9.71 20.87 -3.11
CA PHE A 296 -9.02 21.30 -4.31
C PHE A 296 -9.41 22.73 -4.62
N ASP A 297 -8.42 23.60 -4.85
CA ASP A 297 -8.72 24.99 -5.16
C ASP A 297 -8.30 25.42 -6.56
N SER A 298 -7.14 25.00 -7.06
CA SER A 298 -6.64 25.54 -8.30
C SER A 298 -5.62 24.62 -8.94
N TRP A 299 -5.68 24.52 -10.26
CA TRP A 299 -4.58 23.98 -11.04
C TRP A 299 -3.45 25.01 -11.13
N VAL A 300 -2.26 24.65 -10.66
CA VAL A 300 -1.11 25.54 -10.69
C VAL A 300 0.04 24.84 -11.41
N ASN A 301 1.14 25.55 -11.58
CA ASN A 301 2.29 24.91 -12.22
C ASN A 301 3.15 24.20 -11.18
N GLN A 302 4.04 23.33 -11.68
CA GLN A 302 4.94 22.60 -10.80
C GLN A 302 5.83 23.53 -9.99
N PHE A 303 6.05 24.77 -10.47
CA PHE A 303 6.97 25.69 -9.80
C PHE A 303 6.24 26.74 -8.96
N TYR A 304 4.97 26.49 -8.63
CA TYR A 304 4.28 27.26 -7.61
C TYR A 304 4.99 27.15 -6.27
N THR A 305 5.11 28.28 -5.57
CA THR A 305 5.70 28.30 -4.24
C THR A 305 4.58 28.18 -3.19
N LEU A 306 4.64 27.10 -2.41
CA LEU A 306 3.66 26.87 -1.38
C LEU A 306 3.94 27.71 -0.15
N ALA A 307 2.88 28.07 0.56
CA ALA A 307 3.02 28.63 1.88
C ALA A 307 3.67 27.63 2.81
N PRO A 308 4.67 28.03 3.58
CA PRO A 308 5.32 27.08 4.49
C PRO A 308 4.39 26.53 5.55
N MET A 309 4.64 25.29 5.95
CA MET A 309 3.89 24.73 7.06
C MET A 309 4.78 24.05 8.08
#